data_6GQJ
#
_entry.id   6GQJ
#
_cell.length_a   86.773
_cell.length_b   89.436
_cell.length_c   90.343
_cell.angle_alpha   90.00
_cell.angle_beta   90.00
_cell.angle_gamma   90.00
#
_symmetry.space_group_name_H-M   'P 21 21 21'
#
loop_
_entity.id
_entity.type
_entity.pdbx_description
1 polymer 'Mast/stem cell growth factor receptor Kit'
2 non-polymer 2-[4-(6,7-dimethoxyquinazolin-4-yl)oxy-2-methoxy-phenyl]-~{N}-(1-propan-2-ylpyrazol-4-yl)ethanamide
3 water water
#
_entity_poly.entity_id   1
_entity_poly.type   'polypeptide(L)'
_entity_poly.pdbx_seq_one_letter_code
;GSHMPMYEVQWKVVEESNGNNYSYIDPTQLPYDHKWEFPRNRLSFGKTLGAGAFGKVVEATAQGLIKSDAAMTVAVKMLK
PSAHSTEREALMSELKVLSYLGNHENIVNLLGACTHGGPTLVITEYCCYGDLLNFLRRKRDEFVPYKVAPEDLYKDFLTL
EHLLSFSYQVAKGMAFLASKNCIHRDLAARNILLTHGNITKICDFGLARDIKNDSNYVDKGNARLPVKWMAPESIFNSVY
TFESDVWSYGIFLWELFSLGSSPYPGMPVDSKFYKMIKEGFRMSSPEYAPAEMYDIMKTCWDADPDKRPTFKQIVQDIEK
QISESTN
;
_entity_poly.pdbx_strand_id   A,B
#
loop_
_chem_comp.id
_chem_comp.type
_chem_comp.name
_chem_comp.formula
F82 non-polymer 2-[4-(6,7-dimethoxyquinazolin-4-yl)oxy-2-methoxy-phenyl]-~{N}-(1-propan-2-ylpyrazol-4-yl)ethanamide 'C25 H27 N5 O5'
#
# COMPACT_ATOMS: atom_id res chain seq x y z
N ASN A 21 -25.12 -22.80 7.07
CA ASN A 21 -24.12 -21.72 7.11
C ASN A 21 -23.99 -20.93 5.80
N TYR A 22 -24.42 -21.49 4.66
CA TYR A 22 -24.44 -20.79 3.36
C TYR A 22 -25.81 -20.97 2.75
N SER A 23 -26.46 -19.85 2.43
CA SER A 23 -27.84 -19.81 1.95
C SER A 23 -28.07 -20.39 0.57
N TYR A 24 -27.24 -20.03 -0.42
CA TYR A 24 -27.49 -20.51 -1.78
C TYR A 24 -26.51 -21.53 -2.29
N ILE A 25 -25.22 -21.23 -2.19
CA ILE A 25 -24.15 -22.12 -2.61
C ILE A 25 -23.89 -23.12 -1.47
N ASP A 26 -23.28 -24.26 -1.78
CA ASP A 26 -22.80 -25.19 -0.76
C ASP A 26 -21.29 -25.29 -0.97
N PRO A 27 -20.50 -24.63 -0.10
CA PRO A 27 -19.03 -24.62 -0.28
C PRO A 27 -18.37 -25.98 -0.22
N THR A 28 -18.95 -26.93 0.55
CA THR A 28 -18.43 -28.31 0.65
C THR A 28 -18.48 -29.02 -0.72
N GLN A 29 -19.37 -28.56 -1.62
CA GLN A 29 -19.55 -29.09 -2.96
C GLN A 29 -18.71 -28.32 -3.99
N LEU A 30 -18.12 -27.18 -3.57
CA LEU A 30 -17.25 -26.39 -4.42
C LEU A 30 -15.89 -27.07 -4.57
N PRO A 31 -15.27 -27.05 -5.76
CA PRO A 31 -13.96 -27.72 -5.90
C PRO A 31 -12.82 -26.86 -5.32
N TYR A 32 -11.63 -27.45 -5.22
CA TYR A 32 -10.44 -26.73 -4.82
C TYR A 32 -9.38 -27.02 -5.88
N ASP A 33 -9.10 -26.01 -6.70
CA ASP A 33 -8.10 -26.07 -7.76
C ASP A 33 -6.73 -26.11 -7.12
N HIS A 34 -5.98 -27.18 -7.37
CA HIS A 34 -4.65 -27.34 -6.80
C HIS A 34 -3.62 -26.42 -7.46
N LYS A 35 -4.09 -25.51 -8.36
CA LYS A 35 -3.27 -24.47 -8.98
C LYS A 35 -2.89 -23.45 -7.88
N TRP A 36 -3.70 -23.38 -6.77
CA TRP A 36 -3.54 -22.49 -5.63
C TRP A 36 -2.51 -22.96 -4.65
N GLU A 37 -2.26 -24.27 -4.60
CA GLU A 37 -1.35 -24.92 -3.68
C GLU A 37 0.05 -24.31 -3.71
N PHE A 38 0.46 -23.87 -2.51
CA PHE A 38 1.73 -23.23 -2.29
C PHE A 38 2.47 -23.99 -1.18
N PRO A 39 3.81 -24.22 -1.28
CA PRO A 39 4.53 -24.90 -0.18
C PRO A 39 4.74 -23.96 1.02
N ARG A 40 4.26 -24.38 2.21
CA ARG A 40 4.27 -23.58 3.44
C ARG A 40 5.66 -23.22 3.99
N ASN A 41 6.67 -24.02 3.66
CA ASN A 41 8.07 -23.80 4.03
C ASN A 41 8.65 -22.54 3.33
N ARG A 42 7.95 -22.05 2.28
CA ARG A 42 8.33 -20.86 1.52
C ARG A 42 7.67 -19.58 2.07
N LEU A 43 6.95 -19.71 3.20
CA LEU A 43 6.29 -18.62 3.94
C LEU A 43 7.07 -18.29 5.21
N SER A 44 7.36 -17.01 5.41
CA SER A 44 8.05 -16.52 6.60
C SER A 44 7.05 -15.60 7.31
N PHE A 45 6.54 -16.03 8.47
CA PHE A 45 5.54 -15.29 9.23
C PHE A 45 6.09 -14.11 10.03
N GLY A 46 5.31 -13.04 10.04
CA GLY A 46 5.62 -11.81 10.75
C GLY A 46 4.57 -11.53 11.81
N LYS A 47 4.22 -10.25 11.99
CA LYS A 47 3.24 -9.83 12.99
C LYS A 47 1.82 -10.32 12.71
N THR A 48 1.04 -10.44 13.78
CA THR A 48 -0.35 -10.81 13.73
C THR A 48 -1.07 -9.54 13.42
N LEU A 49 -1.85 -9.55 12.33
CA LEU A 49 -2.61 -8.37 11.91
C LEU A 49 -3.92 -8.28 12.68
N GLY A 50 -4.52 -9.44 12.92
CA GLY A 50 -5.77 -9.61 13.64
C GLY A 50 -5.93 -11.02 14.14
N ALA A 51 -6.57 -11.18 15.29
CA ALA A 51 -6.80 -12.49 15.91
C ALA A 51 -8.08 -12.54 16.70
N GLY A 52 -8.75 -13.68 16.60
CA GLY A 52 -9.97 -13.99 17.32
C GLY A 52 -9.70 -15.13 18.25
N ALA A 53 -10.76 -15.76 18.76
CA ALA A 53 -10.64 -16.87 19.70
C ALA A 53 -9.98 -18.09 19.01
N PHE A 54 -10.34 -18.34 17.73
CA PHE A 54 -9.97 -19.52 16.98
C PHE A 54 -9.12 -19.31 15.76
N GLY A 55 -9.06 -18.08 15.29
CA GLY A 55 -8.30 -17.80 14.08
C GLY A 55 -7.46 -16.56 14.15
N LYS A 56 -6.60 -16.38 13.13
CA LYS A 56 -5.76 -15.20 13.02
C LYS A 56 -5.35 -14.91 11.60
N VAL A 57 -4.99 -13.64 11.34
CA VAL A 57 -4.45 -13.17 10.06
C VAL A 57 -3.05 -12.69 10.40
N VAL A 58 -2.05 -13.23 9.74
CA VAL A 58 -0.65 -12.92 10.01
C VAL A 58 -0.03 -12.33 8.72
N GLU A 59 0.83 -11.33 8.86
CA GLU A 59 1.60 -10.77 7.76
C GLU A 59 2.70 -11.82 7.45
N ALA A 60 2.96 -12.12 6.17
CA ALA A 60 4.01 -13.06 5.82
C ALA A 60 4.75 -12.62 4.58
N THR A 61 5.92 -13.20 4.39
CA THR A 61 6.74 -13.05 3.20
C THR A 61 6.67 -14.39 2.49
N ALA A 62 6.18 -14.39 1.23
CA ALA A 62 6.09 -15.60 0.41
C ALA A 62 7.22 -15.53 -0.61
N GLN A 63 8.17 -16.46 -0.50
CA GLN A 63 9.29 -16.57 -1.43
C GLN A 63 8.86 -17.46 -2.59
N GLY A 64 9.14 -17.01 -3.80
CA GLY A 64 8.82 -17.78 -5.00
C GLY A 64 7.37 -17.82 -5.41
N LEU A 65 6.57 -16.79 -5.03
CA LEU A 65 5.18 -16.61 -5.44
C LEU A 65 5.17 -15.78 -6.74
N ILE A 66 6.26 -15.02 -6.98
CA ILE A 66 6.47 -14.22 -8.20
C ILE A 66 7.32 -15.08 -9.16
N LYS A 67 7.11 -14.96 -10.49
CA LYS A 67 7.85 -15.69 -11.54
C LYS A 67 9.38 -15.50 -11.48
N SER A 68 9.86 -14.30 -11.03
CA SER A 68 11.28 -14.02 -10.81
C SER A 68 11.62 -14.52 -9.37
N ASP A 69 12.87 -14.34 -8.89
CA ASP A 69 13.21 -14.86 -7.56
C ASP A 69 12.61 -14.07 -6.37
N ALA A 70 12.04 -12.88 -6.68
CA ALA A 70 11.46 -11.90 -5.75
C ALA A 70 10.44 -12.44 -4.74
N ALA A 71 10.54 -11.91 -3.52
CA ALA A 71 9.67 -12.21 -2.38
C ALA A 71 8.56 -11.19 -2.34
N MET A 72 7.44 -11.56 -1.75
CA MET A 72 6.35 -10.63 -1.62
C MET A 72 5.63 -10.77 -0.32
N THR A 73 5.11 -9.65 0.17
CA THR A 73 4.33 -9.58 1.38
C THR A 73 2.91 -10.02 1.06
N VAL A 74 2.40 -10.91 1.89
CA VAL A 74 1.06 -11.50 1.78
C VAL A 74 0.44 -11.48 3.17
N ALA A 75 -0.86 -11.71 3.24
CA ALA A 75 -1.61 -11.83 4.49
C ALA A 75 -2.06 -13.31 4.52
N VAL A 76 -1.92 -13.95 5.65
CA VAL A 76 -2.22 -15.36 5.76
C VAL A 76 -3.21 -15.58 6.88
N LYS A 77 -4.35 -16.15 6.55
CA LYS A 77 -5.39 -16.51 7.51
C LYS A 77 -5.19 -17.96 7.88
N MET A 78 -5.24 -18.25 9.18
CA MET A 78 -5.05 -19.59 9.72
C MET A 78 -5.79 -19.76 11.02
N LEU A 79 -5.97 -20.99 11.43
CA LEU A 79 -6.59 -21.29 12.70
C LEU A 79 -5.52 -21.42 13.82
N LYS A 80 -5.94 -21.15 15.04
CA LYS A 80 -5.11 -21.27 16.23
C LYS A 80 -5.33 -22.72 16.79
N PRO A 81 -4.44 -23.27 17.65
CA PRO A 81 -4.70 -24.61 18.24
C PRO A 81 -5.97 -24.72 19.08
N SER A 82 -6.62 -23.60 19.36
CA SER A 82 -7.88 -23.52 20.12
C SER A 82 -9.08 -23.97 19.25
N ALA A 83 -8.89 -23.98 17.91
CA ALA A 83 -9.91 -24.33 16.93
C ALA A 83 -10.31 -25.81 16.97
N HIS A 84 -11.59 -26.06 16.75
CA HIS A 84 -12.22 -27.38 16.68
C HIS A 84 -12.56 -27.72 15.22
N SER A 85 -13.22 -28.88 15.01
CA SER A 85 -13.59 -29.42 13.69
C SER A 85 -14.45 -28.45 12.88
N THR A 86 -15.34 -27.72 13.58
CA THR A 86 -16.24 -26.72 13.02
C THR A 86 -15.47 -25.58 12.34
N GLU A 87 -14.43 -25.08 13.00
CA GLU A 87 -13.60 -23.97 12.51
C GLU A 87 -12.76 -24.47 11.37
N ARG A 88 -12.29 -25.73 11.48
CA ARG A 88 -11.49 -26.41 10.45
C ARG A 88 -12.27 -26.59 9.15
N GLU A 89 -13.54 -26.99 9.25
CA GLU A 89 -14.42 -27.15 8.10
C GLU A 89 -14.72 -25.77 7.50
N ALA A 90 -14.93 -24.76 8.37
CA ALA A 90 -15.25 -23.39 7.99
C ALA A 90 -14.12 -22.74 7.21
N LEU A 91 -12.85 -22.90 7.65
CA LEU A 91 -11.70 -22.31 6.96
C LEU A 91 -11.53 -22.92 5.55
N MET A 92 -11.75 -24.23 5.42
CA MET A 92 -11.71 -24.94 4.15
C MET A 92 -12.82 -24.44 3.18
N SER A 93 -14.06 -24.29 3.69
CA SER A 93 -15.21 -23.75 2.95
C SER A 93 -14.92 -22.33 2.43
N GLU A 94 -14.27 -21.49 3.26
CA GLU A 94 -13.86 -20.11 2.96
C GLU A 94 -12.87 -20.13 1.79
N LEU A 95 -11.88 -21.04 1.85
CA LEU A 95 -10.89 -21.22 0.80
C LEU A 95 -11.56 -21.61 -0.52
N LYS A 96 -12.53 -22.56 -0.48
CA LYS A 96 -13.26 -23.00 -1.67
C LYS A 96 -14.04 -21.83 -2.26
N VAL A 97 -14.75 -21.05 -1.43
CA VAL A 97 -15.52 -19.87 -1.85
C VAL A 97 -14.61 -18.84 -2.51
N LEU A 98 -13.45 -18.52 -1.89
CA LEU A 98 -12.49 -17.57 -2.45
C LEU A 98 -11.92 -18.05 -3.78
N SER A 99 -11.64 -19.35 -3.90
CA SER A 99 -11.13 -19.98 -5.12
C SER A 99 -12.22 -19.93 -6.23
N TYR A 100 -13.49 -20.18 -5.83
CA TYR A 100 -14.67 -20.15 -6.70
C TYR A 100 -14.96 -18.76 -7.25
N LEU A 101 -14.86 -17.72 -6.43
CA LEU A 101 -15.14 -16.35 -6.83
C LEU A 101 -14.15 -15.82 -7.85
N GLY A 102 -12.89 -16.21 -7.70
CA GLY A 102 -11.79 -15.76 -8.55
C GLY A 102 -11.44 -14.32 -8.26
N ASN A 103 -10.56 -13.75 -9.05
CA ASN A 103 -10.14 -12.37 -8.88
C ASN A 103 -11.22 -11.38 -9.30
N HIS A 104 -11.48 -10.43 -8.44
CA HIS A 104 -12.34 -9.28 -8.71
C HIS A 104 -11.57 -8.13 -8.07
N GLU A 105 -11.53 -6.97 -8.72
CA GLU A 105 -10.86 -5.76 -8.24
C GLU A 105 -11.30 -5.38 -6.79
N ASN A 106 -12.60 -5.51 -6.50
CA ASN A 106 -13.17 -5.06 -5.23
C ASN A 106 -13.33 -6.15 -4.22
N ILE A 107 -12.68 -7.27 -4.44
CA ILE A 107 -12.77 -8.36 -3.45
C ILE A 107 -11.32 -8.69 -3.11
N VAL A 108 -11.03 -9.05 -1.82
CA VAL A 108 -9.64 -9.43 -1.44
C VAL A 108 -9.26 -10.65 -2.28
N ASN A 109 -8.10 -10.59 -2.93
CA ASN A 109 -7.71 -11.65 -3.84
C ASN A 109 -6.82 -12.71 -3.22
N LEU A 110 -7.27 -13.98 -3.41
CA LEU A 110 -6.60 -15.21 -3.04
C LEU A 110 -5.35 -15.33 -3.92
N LEU A 111 -4.19 -15.62 -3.32
CA LEU A 111 -2.94 -15.77 -4.04
C LEU A 111 -2.50 -17.21 -3.99
N GLY A 112 -2.92 -17.93 -2.96
CA GLY A 112 -2.55 -19.32 -2.76
C GLY A 112 -3.13 -19.88 -1.49
N ALA A 113 -2.81 -21.14 -1.22
CA ALA A 113 -3.26 -21.82 -0.04
C ALA A 113 -2.31 -22.99 0.27
N CYS A 114 -2.30 -23.44 1.54
CA CYS A 114 -1.50 -24.61 1.96
C CYS A 114 -2.48 -25.51 2.63
N THR A 115 -2.77 -26.63 1.97
CA THR A 115 -3.73 -27.61 2.45
C THR A 115 -3.02 -28.91 2.83
N HIS A 116 -1.89 -29.20 2.18
CA HIS A 116 -1.09 -30.41 2.45
C HIS A 116 0.03 -30.11 3.44
N GLY A 117 0.36 -31.12 4.26
CA GLY A 117 1.46 -31.07 5.21
C GLY A 117 1.22 -30.27 6.47
N GLY A 118 -0.05 -30.00 6.78
CA GLY A 118 -0.39 -29.29 8.00
C GLY A 118 -1.68 -28.52 7.98
N PRO A 119 -1.82 -27.58 8.95
CA PRO A 119 -3.05 -26.75 9.00
C PRO A 119 -3.25 -25.87 7.78
N THR A 120 -4.51 -25.65 7.43
CA THR A 120 -4.92 -24.84 6.30
C THR A 120 -4.47 -23.39 6.44
N LEU A 121 -3.77 -22.91 5.40
CA LEU A 121 -3.31 -21.52 5.33
C LEU A 121 -3.94 -20.92 4.12
N VAL A 122 -4.70 -19.82 4.30
CA VAL A 122 -5.33 -19.08 3.20
C VAL A 122 -4.48 -17.84 2.98
N ILE A 123 -3.86 -17.72 1.82
CA ILE A 123 -2.94 -16.63 1.46
C ILE A 123 -3.58 -15.62 0.52
N THR A 124 -3.63 -14.38 0.94
CA THR A 124 -4.20 -13.35 0.10
C THR A 124 -3.18 -12.24 -0.06
N GLU A 125 -3.52 -11.30 -0.93
CA GLU A 125 -2.77 -10.07 -1.19
C GLU A 125 -2.82 -9.23 0.07
N TYR A 126 -1.73 -8.54 0.35
CA TYR A 126 -1.63 -7.69 1.51
C TYR A 126 -2.23 -6.30 1.13
N CYS A 127 -3.14 -5.77 1.96
CA CYS A 127 -3.77 -4.45 1.77
C CYS A 127 -3.11 -3.43 2.67
N CYS A 128 -2.31 -2.53 2.02
CA CYS A 128 -1.48 -1.45 2.57
C CYS A 128 -2.06 -0.72 3.78
N TYR A 129 -3.33 -0.31 3.74
CA TYR A 129 -3.91 0.59 4.73
C TYR A 129 -4.85 -0.04 5.73
N GLY A 130 -4.91 -1.36 5.80
CA GLY A 130 -5.77 -2.07 6.75
C GLY A 130 -7.26 -1.93 6.50
N ASP A 131 -8.09 -2.21 7.52
CA ASP A 131 -9.55 -2.06 7.41
C ASP A 131 -10.00 -0.60 7.25
N LEU A 132 -11.06 -0.41 6.47
CA LEU A 132 -11.63 0.91 6.20
C LEU A 132 -12.09 1.65 7.47
N LEU A 133 -12.70 0.94 8.41
CA LEU A 133 -13.17 1.54 9.66
C LEU A 133 -12.07 2.32 10.39
N ASN A 134 -10.88 1.68 10.61
CA ASN A 134 -9.77 2.33 11.30
C ASN A 134 -9.18 3.44 10.51
N PHE A 135 -9.15 3.29 9.19
CA PHE A 135 -8.65 4.31 8.29
C PHE A 135 -9.54 5.57 8.41
N LEU A 136 -10.89 5.40 8.29
CA LEU A 136 -11.84 6.53 8.42
C LEU A 136 -11.69 7.25 9.77
N ARG A 137 -11.46 6.50 10.85
CA ARG A 137 -11.29 7.02 12.20
C ARG A 137 -9.98 7.78 12.34
N ARG A 138 -8.91 7.33 11.67
CA ARG A 138 -7.60 8.02 11.64
C ARG A 138 -7.68 9.30 10.82
N LYS A 139 -8.56 9.34 9.80
CA LYS A 139 -8.66 10.46 8.86
C LYS A 139 -9.80 11.43 9.16
N ARG A 140 -10.53 11.20 10.24
CA ARG A 140 -11.68 11.99 10.71
C ARG A 140 -11.39 13.48 10.86
N ASP A 141 -10.18 13.81 11.26
CA ASP A 141 -9.77 15.18 11.50
C ASP A 141 -9.13 15.82 10.27
N GLU A 142 -8.56 14.99 9.35
CA GLU A 142 -7.96 15.44 8.09
C GLU A 142 -8.99 15.26 6.93
N PHE A 143 -10.28 15.56 7.21
CA PHE A 143 -11.33 15.41 6.20
C PHE A 143 -11.79 16.73 5.62
N VAL A 144 -11.89 16.80 4.29
CA VAL A 144 -12.34 17.98 3.56
C VAL A 144 -13.59 17.63 2.73
N PRO A 145 -14.77 18.23 3.00
CA PRO A 145 -15.95 17.89 2.16
C PRO A 145 -15.80 18.42 0.74
N TYR A 146 -15.14 19.59 0.59
CA TYR A 146 -14.80 20.26 -0.66
C TYR A 146 -13.77 19.42 -1.42
N LYS A 147 -13.75 19.52 -2.76
CA LYS A 147 -12.80 18.78 -3.60
C LYS A 147 -11.47 19.51 -3.74
N LYS A 155 0.29 15.26 2.27
CA LYS A 155 -0.55 15.20 3.46
C LYS A 155 -1.52 14.02 3.43
N ASP A 156 -2.28 13.89 2.30
CA ASP A 156 -3.30 12.85 2.02
C ASP A 156 -4.65 13.16 2.71
N PHE A 157 -5.29 14.29 2.35
CA PHE A 157 -6.60 14.64 2.91
C PHE A 157 -7.71 13.75 2.33
N LEU A 158 -8.58 13.24 3.22
CA LEU A 158 -9.73 12.45 2.80
C LEU A 158 -10.82 13.44 2.38
N THR A 159 -11.54 13.17 1.27
CA THR A 159 -12.60 14.02 0.75
C THR A 159 -13.88 13.24 0.47
N LEU A 160 -14.96 13.95 0.12
CA LEU A 160 -16.26 13.42 -0.26
C LEU A 160 -16.16 12.57 -1.53
N GLU A 161 -15.23 12.94 -2.46
CA GLU A 161 -14.95 12.22 -3.68
C GLU A 161 -14.44 10.81 -3.35
N HIS A 162 -13.58 10.67 -2.30
CA HIS A 162 -13.05 9.38 -1.83
C HIS A 162 -14.18 8.53 -1.25
N LEU A 163 -15.08 9.13 -0.46
CA LEU A 163 -16.17 8.44 0.21
C LEU A 163 -17.17 7.92 -0.78
N LEU A 164 -17.47 8.71 -1.83
CA LEU A 164 -18.38 8.28 -2.91
C LEU A 164 -17.75 7.13 -3.68
N SER A 165 -16.42 7.21 -3.93
CA SER A 165 -15.67 6.15 -4.61
C SER A 165 -15.65 4.84 -3.80
N PHE A 166 -15.49 4.93 -2.46
CA PHE A 166 -15.52 3.77 -1.55
C PHE A 166 -16.89 3.13 -1.58
N SER A 167 -17.97 3.94 -1.54
CA SER A 167 -19.35 3.48 -1.60
C SER A 167 -19.64 2.71 -2.91
N TYR A 168 -19.12 3.22 -4.03
CA TYR A 168 -19.23 2.66 -5.36
C TYR A 168 -18.48 1.33 -5.45
N GLN A 169 -17.26 1.29 -4.96
CA GLN A 169 -16.43 0.09 -4.96
C GLN A 169 -17.00 -1.01 -4.14
N VAL A 170 -17.58 -0.69 -3.00
CA VAL A 170 -18.19 -1.68 -2.14
C VAL A 170 -19.49 -2.22 -2.80
N ALA A 171 -20.26 -1.34 -3.46
CA ALA A 171 -21.48 -1.75 -4.13
C ALA A 171 -21.11 -2.65 -5.33
N LYS A 172 -20.02 -2.31 -6.05
CA LYS A 172 -19.51 -3.10 -7.17
C LYS A 172 -19.11 -4.53 -6.73
N GLY A 173 -18.31 -4.61 -5.66
CA GLY A 173 -17.87 -5.87 -5.10
C GLY A 173 -19.03 -6.72 -4.62
N MET A 174 -20.05 -6.09 -4.03
CA MET A 174 -21.25 -6.80 -3.54
C MET A 174 -22.16 -7.23 -4.68
N ALA A 175 -22.24 -6.41 -5.77
CA ALA A 175 -23.01 -6.79 -6.95
C ALA A 175 -22.35 -8.06 -7.56
N PHE A 176 -21.01 -8.10 -7.56
CA PHE A 176 -20.25 -9.26 -8.01
C PHE A 176 -20.57 -10.50 -7.13
N LEU A 177 -20.46 -10.38 -5.81
CA LEU A 177 -20.78 -11.45 -4.86
C LEU A 177 -22.20 -11.98 -5.03
N ALA A 178 -23.22 -11.11 -5.25
CA ALA A 178 -24.60 -11.56 -5.42
C ALA A 178 -24.75 -12.29 -6.75
N SER A 179 -24.02 -11.85 -7.80
CA SER A 179 -24.06 -12.52 -9.12
C SER A 179 -23.50 -13.92 -9.03
N LYS A 180 -22.67 -14.17 -8.00
CA LYS A 180 -22.05 -15.46 -7.75
C LYS A 180 -22.81 -16.25 -6.69
N ASN A 181 -23.99 -15.75 -6.29
CA ASN A 181 -24.91 -16.34 -5.30
C ASN A 181 -24.31 -16.45 -3.92
N CYS A 182 -23.41 -15.50 -3.59
CA CYS A 182 -22.73 -15.33 -2.34
C CYS A 182 -23.37 -14.25 -1.53
N ILE A 183 -23.55 -14.54 -0.24
CA ILE A 183 -24.07 -13.64 0.76
C ILE A 183 -22.92 -13.45 1.74
N HIS A 184 -22.55 -12.17 2.02
CA HIS A 184 -21.48 -11.85 2.97
C HIS A 184 -21.86 -12.21 4.43
N ARG A 185 -23.07 -11.78 4.90
CA ARG A 185 -23.64 -11.96 6.25
C ARG A 185 -23.03 -11.04 7.33
N ASP A 186 -21.89 -10.40 7.03
CA ASP A 186 -21.22 -9.48 7.95
C ASP A 186 -20.60 -8.25 7.21
N LEU A 187 -21.38 -7.65 6.30
CA LEU A 187 -20.90 -6.46 5.59
C LEU A 187 -20.89 -5.28 6.58
N ALA A 188 -19.74 -4.60 6.67
CA ALA A 188 -19.45 -3.51 7.61
C ALA A 188 -18.10 -2.94 7.20
N ALA A 189 -17.81 -1.69 7.60
CA ALA A 189 -16.52 -1.02 7.29
C ALA A 189 -15.31 -1.79 7.88
N ARG A 190 -15.51 -2.56 8.96
CA ARG A 190 -14.46 -3.38 9.58
C ARG A 190 -14.05 -4.56 8.69
N ASN A 191 -14.90 -4.93 7.71
CA ASN A 191 -14.67 -6.03 6.80
C ASN A 191 -14.39 -5.55 5.39
N ILE A 192 -13.85 -4.33 5.24
CA ILE A 192 -13.47 -3.70 3.97
C ILE A 192 -12.02 -3.35 4.17
N LEU A 193 -11.16 -3.71 3.25
CA LEU A 193 -9.74 -3.36 3.35
C LEU A 193 -9.42 -2.25 2.38
N LEU A 194 -8.43 -1.45 2.68
CA LEU A 194 -8.03 -0.35 1.82
C LEU A 194 -6.61 -0.61 1.35
N THR A 195 -6.42 -0.57 0.05
CA THR A 195 -5.10 -0.80 -0.51
C THR A 195 -4.70 0.43 -1.34
N HIS A 196 -3.70 0.27 -2.24
CA HIS A 196 -3.15 1.29 -3.14
C HIS A 196 -4.24 1.92 -4.02
N GLY A 197 -4.01 3.15 -4.45
CA GLY A 197 -4.86 3.88 -5.36
C GLY A 197 -6.30 4.01 -4.93
N ASN A 198 -6.53 4.10 -3.60
CA ASN A 198 -7.82 4.19 -2.95
C ASN A 198 -8.76 3.02 -3.36
N ILE A 199 -8.19 1.83 -3.55
CA ILE A 199 -8.95 0.64 -3.89
C ILE A 199 -9.40 -0.07 -2.58
N THR A 200 -10.70 -0.24 -2.44
CA THR A 200 -11.28 -0.94 -1.29
C THR A 200 -11.56 -2.35 -1.74
N LYS A 201 -11.38 -3.31 -0.82
CA LYS A 201 -11.59 -4.69 -1.11
C LYS A 201 -12.46 -5.32 -0.04
N ILE A 202 -13.54 -5.97 -0.43
CA ILE A 202 -14.37 -6.67 0.53
C ILE A 202 -13.63 -7.90 1.01
N CYS A 203 -13.63 -8.11 2.32
CA CYS A 203 -13.01 -9.28 2.90
C CYS A 203 -13.99 -9.79 3.94
N ASP A 204 -13.54 -10.75 4.75
CA ASP A 204 -14.32 -11.30 5.85
C ASP A 204 -13.33 -11.86 6.88
N PHE A 205 -13.07 -11.08 7.95
CA PHE A 205 -12.14 -11.49 9.01
C PHE A 205 -12.61 -12.75 9.69
N GLY A 206 -13.93 -12.89 9.82
CA GLY A 206 -14.60 -14.02 10.43
C GLY A 206 -13.97 -14.42 11.75
N LEU A 207 -13.31 -15.60 11.76
CA LEU A 207 -12.66 -16.19 12.93
C LEU A 207 -11.42 -15.43 13.38
N ALA A 208 -10.87 -14.55 12.52
CA ALA A 208 -9.69 -13.74 12.85
C ALA A 208 -10.06 -12.39 13.50
N ARG A 209 -11.31 -12.24 13.94
CA ARG A 209 -11.77 -11.10 14.72
C ARG A 209 -12.19 -11.56 16.12
N ASP A 210 -11.68 -10.84 17.15
CA ASP A 210 -12.04 -11.04 18.54
C ASP A 210 -13.47 -10.43 18.76
N ILE A 211 -14.49 -11.19 18.40
CA ILE A 211 -15.88 -10.77 18.50
C ILE A 211 -16.37 -10.68 19.95
N LYS A 212 -15.76 -11.45 20.87
CA LYS A 212 -16.13 -11.41 22.30
C LYS A 212 -15.79 -10.03 22.92
N ASN A 213 -14.65 -9.44 22.52
CA ASN A 213 -14.23 -8.14 23.05
C ASN A 213 -14.63 -6.95 22.18
N ASP A 214 -15.19 -7.22 21.00
CA ASP A 214 -15.72 -6.21 20.09
C ASP A 214 -17.18 -5.87 20.53
N SER A 215 -17.41 -4.63 21.01
CA SER A 215 -18.75 -4.18 21.43
C SER A 215 -19.79 -4.10 20.26
N ASN A 216 -19.35 -4.21 18.99
CA ASN A 216 -20.23 -4.21 17.81
C ASN A 216 -20.91 -5.57 17.57
N TYR A 217 -20.51 -6.62 18.31
CA TYR A 217 -21.09 -7.95 18.26
C TYR A 217 -21.77 -8.18 19.58
N VAL A 218 -23.08 -8.37 19.57
CA VAL A 218 -23.88 -8.48 20.80
C VAL A 218 -24.18 -9.95 21.07
N ASP A 219 -24.36 -10.31 22.35
CA ASP A 219 -24.79 -11.66 22.74
C ASP A 219 -26.29 -11.72 22.46
N LYS A 220 -26.68 -12.64 21.58
CA LYS A 220 -28.07 -12.89 21.17
C LYS A 220 -28.19 -14.40 21.06
N GLY A 221 -28.91 -15.00 22.00
CA GLY A 221 -29.04 -16.45 22.12
C GLY A 221 -27.69 -17.07 22.44
N ASN A 222 -27.28 -18.05 21.61
CA ASN A 222 -26.00 -18.76 21.73
C ASN A 222 -24.89 -18.02 20.97
N ALA A 223 -25.24 -16.97 20.22
CA ALA A 223 -24.26 -16.30 19.38
C ALA A 223 -23.89 -14.88 19.80
N ARG A 224 -22.80 -14.39 19.22
CA ARG A 224 -22.35 -13.05 19.38
C ARG A 224 -22.48 -12.47 17.94
N LEU A 225 -23.53 -11.65 17.72
CA LEU A 225 -23.91 -11.17 16.39
C LEU A 225 -23.77 -9.67 16.16
N PRO A 226 -23.46 -9.22 14.92
CA PRO A 226 -23.41 -7.76 14.65
C PRO A 226 -24.82 -7.18 14.40
N VAL A 227 -25.66 -7.19 15.42
CA VAL A 227 -27.07 -6.79 15.38
C VAL A 227 -27.33 -5.43 14.71
N LYS A 228 -26.52 -4.39 15.02
CA LYS A 228 -26.70 -3.03 14.44
C LYS A 228 -26.52 -2.98 12.93
N TRP A 229 -25.93 -4.02 12.31
CA TRP A 229 -25.78 -4.13 10.85
C TRP A 229 -26.82 -5.05 10.24
N MET A 230 -27.59 -5.76 11.07
CA MET A 230 -28.48 -6.80 10.62
C MET A 230 -29.90 -6.36 10.28
N ALA A 231 -30.39 -6.92 9.16
CA ALA A 231 -31.76 -6.75 8.68
C ALA A 231 -32.72 -7.40 9.70
N PRO A 232 -33.95 -6.90 9.85
CA PRO A 232 -34.91 -7.51 10.80
C PRO A 232 -35.11 -9.02 10.62
N GLU A 233 -35.22 -9.48 9.35
CA GLU A 233 -35.43 -10.89 9.04
C GLU A 233 -34.22 -11.75 9.48
N SER A 234 -33.01 -11.19 9.54
CA SER A 234 -31.82 -11.90 10.02
C SER A 234 -31.83 -11.98 11.54
N ILE A 235 -32.22 -10.86 12.21
CA ILE A 235 -32.33 -10.79 13.66
C ILE A 235 -33.43 -11.74 14.16
N PHE A 236 -34.67 -11.54 13.67
CA PHE A 236 -35.84 -12.25 14.17
C PHE A 236 -36.08 -13.63 13.54
N ASN A 237 -35.63 -13.89 12.30
CA ASN A 237 -35.92 -15.18 11.67
C ASN A 237 -34.69 -15.94 11.21
N SER A 238 -33.49 -15.44 11.53
CA SER A 238 -32.23 -16.06 11.12
C SER A 238 -32.09 -16.27 9.60
N VAL A 239 -32.78 -15.44 8.80
CA VAL A 239 -32.67 -15.58 7.35
C VAL A 239 -31.63 -14.58 6.80
N TYR A 240 -30.72 -15.07 5.96
CA TYR A 240 -29.72 -14.23 5.32
C TYR A 240 -29.93 -14.38 3.83
N THR A 241 -30.06 -13.27 3.14
CA THR A 241 -30.34 -13.25 1.70
C THR A 241 -29.56 -12.11 1.05
N PHE A 242 -29.81 -11.92 -0.25
CA PHE A 242 -29.21 -10.85 -1.03
C PHE A 242 -29.68 -9.53 -0.45
N GLU A 243 -30.97 -9.48 -0.05
CA GLU A 243 -31.67 -8.31 0.47
C GLU A 243 -31.21 -7.96 1.89
N SER A 244 -30.81 -8.96 2.71
CA SER A 244 -30.29 -8.68 4.04
C SER A 244 -28.88 -8.08 3.97
N ASP A 245 -28.09 -8.43 2.95
CA ASP A 245 -26.74 -7.86 2.68
C ASP A 245 -26.87 -6.40 2.26
N VAL A 246 -27.98 -6.07 1.59
CA VAL A 246 -28.30 -4.71 1.12
C VAL A 246 -28.58 -3.83 2.32
N TRP A 247 -29.33 -4.35 3.30
CA TRP A 247 -29.61 -3.67 4.56
C TRP A 247 -28.28 -3.24 5.23
N SER A 248 -27.33 -4.18 5.40
CA SER A 248 -26.02 -3.95 6.02
C SER A 248 -25.18 -2.98 5.22
N TYR A 249 -25.33 -2.98 3.90
CA TYR A 249 -24.67 -2.00 3.03
C TYR A 249 -25.16 -0.57 3.41
N GLY A 250 -26.46 -0.44 3.73
CA GLY A 250 -27.08 0.81 4.19
C GLY A 250 -26.44 1.31 5.47
N ILE A 251 -26.24 0.39 6.41
CA ILE A 251 -25.52 0.68 7.67
C ILE A 251 -24.05 1.03 7.36
N PHE A 252 -23.38 0.29 6.49
CA PHE A 252 -22.00 0.59 6.11
C PHE A 252 -21.92 2.04 5.53
N LEU A 253 -22.93 2.45 4.74
CA LEU A 253 -23.01 3.82 4.17
C LEU A 253 -23.06 4.86 5.24
N TRP A 254 -23.88 4.58 6.27
CA TRP A 254 -24.00 5.42 7.43
C TRP A 254 -22.63 5.55 8.15
N GLU A 255 -21.93 4.44 8.41
CA GLU A 255 -20.60 4.46 9.02
C GLU A 255 -19.60 5.26 8.15
N LEU A 256 -19.69 5.09 6.86
CA LEU A 256 -18.80 5.74 5.91
C LEU A 256 -18.93 7.27 5.93
N PHE A 257 -20.18 7.76 5.81
CA PHE A 257 -20.46 9.19 5.76
C PHE A 257 -20.54 9.89 7.15
N SER A 258 -20.34 9.13 8.25
CA SER A 258 -20.20 9.63 9.60
C SER A 258 -18.69 9.54 9.95
N LEU A 259 -17.85 9.06 9.00
CA LEU A 259 -16.39 8.87 9.11
C LEU A 259 -16.00 7.90 10.22
N GLY A 260 -16.64 6.75 10.24
CA GLY A 260 -16.34 5.66 11.16
C GLY A 260 -17.11 5.67 12.45
N SER A 261 -18.23 6.36 12.50
CA SER A 261 -18.94 6.37 13.77
C SER A 261 -19.76 5.09 13.93
N SER A 262 -19.95 4.65 15.16
CA SER A 262 -20.75 3.46 15.44
C SER A 262 -22.24 3.72 15.11
N PRO A 263 -22.97 2.76 14.45
CA PRO A 263 -24.38 3.01 14.11
C PRO A 263 -25.27 3.06 15.35
N TYR A 264 -26.47 3.69 15.21
CA TYR A 264 -27.44 3.96 16.29
C TYR A 264 -26.69 4.47 17.53
N PRO A 265 -25.88 5.55 17.39
CA PRO A 265 -25.05 6.00 18.52
C PRO A 265 -25.86 6.33 19.77
N GLY A 266 -25.30 5.95 20.92
CA GLY A 266 -25.91 6.15 22.23
C GLY A 266 -27.04 5.19 22.55
N MET A 267 -27.39 4.32 21.59
CA MET A 267 -28.46 3.34 21.79
C MET A 267 -27.88 1.97 22.07
N PRO A 268 -28.09 1.39 23.27
CA PRO A 268 -27.59 0.03 23.50
C PRO A 268 -28.48 -1.01 22.79
N VAL A 269 -27.93 -2.19 22.50
CA VAL A 269 -28.72 -3.25 21.89
C VAL A 269 -29.46 -3.97 23.02
N ASP A 270 -30.77 -3.73 23.12
CA ASP A 270 -31.64 -4.30 24.16
C ASP A 270 -33.04 -4.50 23.55
N SER A 271 -34.06 -4.71 24.42
CA SER A 271 -35.46 -4.86 24.02
C SER A 271 -35.97 -3.63 23.28
N LYS A 272 -35.67 -2.42 23.81
CA LYS A 272 -36.06 -1.14 23.23
C LYS A 272 -35.52 -0.99 21.78
N PHE A 273 -34.27 -1.42 21.51
CA PHE A 273 -33.66 -1.41 20.18
C PHE A 273 -34.42 -2.32 19.20
N TYR A 274 -34.69 -3.58 19.59
CA TYR A 274 -35.39 -4.54 18.72
C TYR A 274 -36.80 -4.06 18.41
N LYS A 275 -37.48 -3.49 19.42
CA LYS A 275 -38.82 -2.93 19.29
C LYS A 275 -38.79 -1.78 18.27
N MET A 276 -37.87 -0.81 18.46
CA MET A 276 -37.71 0.35 17.59
C MET A 276 -37.43 -0.01 16.11
N ILE A 277 -36.59 -1.02 15.89
CA ILE A 277 -36.30 -1.50 14.54
C ILE A 277 -37.57 -2.11 13.87
N LYS A 278 -38.28 -3.02 14.59
CA LYS A 278 -39.51 -3.67 14.13
C LYS A 278 -40.61 -2.64 13.84
N GLU A 279 -40.70 -1.56 14.66
CA GLU A 279 -41.68 -0.47 14.54
C GLU A 279 -41.34 0.58 13.46
N GLY A 280 -40.18 0.44 12.81
CA GLY A 280 -39.77 1.32 11.73
C GLY A 280 -38.83 2.47 12.02
N PHE A 281 -38.24 2.55 13.24
CA PHE A 281 -37.25 3.59 13.56
C PHE A 281 -36.03 3.33 12.67
N ARG A 282 -35.49 4.40 12.10
CA ARG A 282 -34.30 4.40 11.27
C ARG A 282 -33.41 5.57 11.65
N MET A 283 -32.10 5.39 11.47
CA MET A 283 -31.13 6.45 11.73
C MET A 283 -31.37 7.62 10.80
N SER A 284 -31.07 8.81 11.30
CA SER A 284 -31.14 10.03 10.51
C SER A 284 -29.85 10.10 9.72
N SER A 285 -29.76 10.99 8.75
CA SER A 285 -28.54 11.07 7.94
C SER A 285 -27.24 11.35 8.71
N PRO A 286 -26.11 10.66 8.40
CA PRO A 286 -24.84 11.02 9.09
C PRO A 286 -24.36 12.35 8.52
N GLU A 287 -23.57 13.07 9.32
CA GLU A 287 -23.07 14.40 9.07
C GLU A 287 -22.59 14.70 7.65
N TYR A 288 -21.88 13.77 6.98
CA TYR A 288 -21.31 14.10 5.66
C TYR A 288 -22.00 13.44 4.50
N ALA A 289 -23.17 12.84 4.71
CA ALA A 289 -23.80 12.12 3.61
C ALA A 289 -24.55 13.05 2.66
N PRO A 290 -24.22 13.04 1.34
CA PRO A 290 -25.08 13.75 0.38
C PRO A 290 -26.54 13.22 0.50
N ALA A 291 -27.56 14.07 0.26
CA ALA A 291 -28.96 13.65 0.30
C ALA A 291 -29.25 12.36 -0.52
N GLU A 292 -28.68 12.26 -1.73
N GLU A 292 -28.67 12.27 -1.74
CA GLU A 292 -28.90 11.10 -2.62
CA GLU A 292 -28.81 11.13 -2.65
C GLU A 292 -28.27 9.80 -2.06
C GLU A 292 -28.26 9.82 -2.07
N MET A 293 -27.24 9.89 -1.19
CA MET A 293 -26.68 8.69 -0.53
C MET A 293 -27.58 8.28 0.60
N TYR A 294 -28.14 9.25 1.33
CA TYR A 294 -29.08 9.00 2.40
C TYR A 294 -30.36 8.35 1.86
N ASP A 295 -30.74 8.71 0.61
CA ASP A 295 -31.85 8.16 -0.15
C ASP A 295 -31.61 6.69 -0.38
N ILE A 296 -30.37 6.33 -0.75
CA ILE A 296 -29.97 4.94 -0.87
C ILE A 296 -30.15 4.21 0.49
N MET A 297 -29.55 4.73 1.58
CA MET A 297 -29.69 4.16 2.93
C MET A 297 -31.15 3.87 3.31
N LYS A 298 -32.06 4.82 3.09
CA LYS A 298 -33.49 4.67 3.44
C LYS A 298 -34.09 3.49 2.75
N THR A 299 -33.84 3.34 1.42
CA THR A 299 -34.35 2.22 0.62
C THR A 299 -33.68 0.90 1.06
N CYS A 300 -32.36 0.91 1.45
CA CYS A 300 -31.67 -0.28 1.99
C CYS A 300 -32.33 -0.75 3.25
N TRP A 301 -32.97 0.20 3.98
CA TRP A 301 -33.59 -0.11 5.25
C TRP A 301 -35.08 -0.31 5.19
N ASP A 302 -35.60 -0.63 4.02
CA ASP A 302 -37.02 -0.92 3.94
C ASP A 302 -37.30 -2.20 4.73
N ALA A 303 -38.38 -2.21 5.53
CA ALA A 303 -38.81 -3.36 6.32
C ALA A 303 -39.11 -4.53 5.39
N ASP A 304 -39.68 -4.23 4.20
CA ASP A 304 -40.00 -5.19 3.15
C ASP A 304 -38.72 -5.41 2.32
N PRO A 305 -38.11 -6.62 2.38
CA PRO A 305 -36.86 -6.86 1.62
C PRO A 305 -37.01 -6.67 0.10
N ASP A 306 -38.24 -6.90 -0.41
CA ASP A 306 -38.60 -6.77 -1.82
C ASP A 306 -38.60 -5.34 -2.33
N LYS A 307 -38.73 -4.36 -1.42
CA LYS A 307 -38.68 -2.93 -1.75
C LYS A 307 -37.27 -2.36 -1.66
N ARG A 308 -36.28 -3.16 -1.22
CA ARG A 308 -34.89 -2.72 -1.15
C ARG A 308 -34.25 -2.72 -2.55
N PRO A 309 -33.27 -1.85 -2.83
CA PRO A 309 -32.61 -1.91 -4.14
C PRO A 309 -31.65 -3.10 -4.20
N THR A 310 -31.25 -3.48 -5.41
CA THR A 310 -30.24 -4.53 -5.53
C THR A 310 -28.90 -3.76 -5.49
N PHE A 311 -27.78 -4.44 -5.25
CA PHE A 311 -26.46 -3.83 -5.34
C PHE A 311 -26.18 -3.25 -6.71
N LYS A 312 -26.70 -3.92 -7.77
CA LYS A 312 -26.60 -3.46 -9.14
C LYS A 312 -27.31 -2.11 -9.33
N GLN A 313 -28.53 -1.97 -8.74
CA GLN A 313 -29.29 -0.74 -8.77
C GLN A 313 -28.53 0.35 -8.03
N ILE A 314 -27.93 0.01 -6.86
CA ILE A 314 -27.10 0.90 -6.05
C ILE A 314 -25.87 1.38 -6.89
N VAL A 315 -25.14 0.47 -7.56
CA VAL A 315 -24.00 0.82 -8.41
C VAL A 315 -24.40 1.89 -9.45
N GLN A 316 -25.51 1.68 -10.17
CA GLN A 316 -26.07 2.56 -11.21
C GLN A 316 -26.42 3.93 -10.64
N ASP A 317 -26.96 3.95 -9.42
CA ASP A 317 -27.31 5.17 -8.71
C ASP A 317 -26.05 5.99 -8.34
N ILE A 318 -25.03 5.34 -7.73
CA ILE A 318 -23.79 6.01 -7.32
C ILE A 318 -23.02 6.52 -8.55
N GLU A 319 -23.01 5.72 -9.64
CA GLU A 319 -22.38 6.01 -10.93
C GLU A 319 -22.92 7.35 -11.44
N LYS A 320 -24.26 7.53 -11.41
CA LYS A 320 -24.94 8.76 -11.80
C LYS A 320 -24.48 9.94 -10.90
N GLN A 321 -24.44 9.73 -9.58
CA GLN A 321 -23.97 10.72 -8.60
C GLN A 321 -22.52 11.16 -8.85
N ILE A 322 -21.64 10.21 -9.21
CA ILE A 322 -20.23 10.48 -9.50
C ILE A 322 -20.10 11.32 -10.80
N SER A 323 -20.87 10.95 -11.85
CA SER A 323 -20.86 11.64 -13.14
C SER A 323 -21.33 13.09 -12.97
N GLU A 324 -22.42 13.32 -12.20
CA GLU A 324 -22.99 14.65 -11.92
C GLU A 324 -21.98 15.53 -11.18
N SER A 325 -21.24 14.94 -10.20
CA SER A 325 -20.20 15.56 -9.37
C SER A 325 -19.04 16.22 -10.15
N ASP B 26 29.24 0.52 -18.63
CA ASP B 26 28.59 1.00 -19.83
C ASP B 26 27.33 0.16 -20.07
N PRO B 27 26.14 0.75 -19.81
CA PRO B 27 24.89 0.00 -19.95
C PRO B 27 24.60 -0.49 -21.35
N THR B 28 25.05 0.24 -22.40
CA THR B 28 24.87 -0.15 -23.81
C THR B 28 25.58 -1.49 -24.10
N GLN B 29 26.60 -1.83 -23.29
CA GLN B 29 27.38 -3.06 -23.40
C GLN B 29 26.79 -4.18 -22.53
N LEU B 30 25.85 -3.83 -21.63
CA LEU B 30 25.18 -4.79 -20.77
C LEU B 30 24.16 -5.60 -21.59
N PRO B 31 24.00 -6.92 -21.35
CA PRO B 31 23.00 -7.67 -22.11
C PRO B 31 21.57 -7.47 -21.59
N TYR B 32 20.58 -7.95 -22.35
CA TYR B 32 19.19 -7.92 -21.90
C TYR B 32 18.65 -9.34 -22.01
N ASP B 33 18.49 -9.99 -20.85
CA ASP B 33 17.99 -11.35 -20.77
C ASP B 33 16.50 -11.32 -21.11
N HIS B 34 16.11 -12.04 -22.15
CA HIS B 34 14.73 -12.08 -22.59
C HIS B 34 13.83 -12.87 -21.64
N LYS B 35 14.40 -13.29 -20.47
CA LYS B 35 13.68 -13.96 -19.39
C LYS B 35 12.74 -12.93 -18.74
N TRP B 36 13.04 -11.62 -18.90
CA TRP B 36 12.26 -10.50 -18.35
C TRP B 36 11.04 -10.13 -19.19
N GLU B 37 11.07 -10.44 -20.49
CA GLU B 37 9.98 -10.15 -21.42
C GLU B 37 8.60 -10.59 -20.87
N PHE B 38 7.72 -9.60 -20.69
CA PHE B 38 6.37 -9.76 -20.17
C PHE B 38 5.32 -9.40 -21.27
N PRO B 39 4.17 -10.13 -21.38
CA PRO B 39 3.13 -9.72 -22.36
C PRO B 39 2.48 -8.39 -22.01
N ARG B 40 2.65 -7.30 -22.81
CA ARG B 40 2.04 -6.01 -22.45
C ARG B 40 0.49 -6.02 -22.38
N ASN B 41 -0.14 -6.94 -23.11
CA ASN B 41 -1.60 -7.15 -23.11
C ASN B 41 -2.08 -7.73 -21.75
N ARG B 42 -1.13 -8.21 -20.92
CA ARG B 42 -1.39 -8.76 -19.59
C ARG B 42 -1.29 -7.69 -18.48
N LEU B 43 -1.05 -6.41 -18.89
CA LEU B 43 -0.95 -5.24 -18.03
C LEU B 43 -2.20 -4.36 -18.17
N SER B 44 -2.81 -4.01 -17.04
CA SER B 44 -3.98 -3.15 -16.97
C SER B 44 -3.53 -1.88 -16.23
N PHE B 45 -3.41 -0.76 -16.94
CA PHE B 45 -2.93 0.49 -16.37
C PHE B 45 -3.95 1.24 -15.52
N GLY B 46 -3.46 1.85 -14.45
CA GLY B 46 -4.24 2.66 -13.53
C GLY B 46 -3.72 4.08 -13.51
N LYS B 47 -3.71 4.71 -12.33
CA LYS B 47 -3.28 6.09 -12.15
C LYS B 47 -1.79 6.33 -12.39
N THR B 48 -1.45 7.56 -12.78
CA THR B 48 -0.08 7.99 -12.99
C THR B 48 0.44 8.33 -11.63
N LEU B 49 1.53 7.67 -11.25
CA LEU B 49 2.16 7.85 -9.96
C LEU B 49 3.06 9.09 -9.99
N GLY B 50 3.75 9.26 -11.12
CA GLY B 50 4.67 10.38 -11.34
C GLY B 50 4.92 10.58 -12.82
N ALA B 51 5.16 11.82 -13.23
CA ALA B 51 5.43 12.14 -14.63
C ALA B 51 6.35 13.33 -14.78
N GLY B 52 7.24 13.24 -15.76
CA GLY B 52 8.17 14.28 -16.14
C GLY B 52 7.84 14.75 -17.53
N ALA B 53 8.77 15.47 -18.20
CA ALA B 53 8.54 15.97 -19.57
C ALA B 53 8.44 14.82 -20.58
N PHE B 54 9.27 13.78 -20.38
CA PHE B 54 9.42 12.69 -21.32
C PHE B 54 9.03 11.32 -20.83
N GLY B 55 8.89 11.16 -19.53
CA GLY B 55 8.56 9.86 -18.96
C GLY B 55 7.52 9.89 -17.88
N LYS B 56 7.05 8.70 -17.51
CA LYS B 56 6.07 8.54 -16.45
C LYS B 56 6.13 7.17 -15.78
N VAL B 57 5.62 7.10 -14.55
CA VAL B 57 5.43 5.90 -13.77
C VAL B 57 3.92 5.77 -13.56
N VAL B 58 3.37 4.62 -13.92
CA VAL B 58 1.94 4.33 -13.83
C VAL B 58 1.77 3.06 -12.97
N GLU B 59 0.71 3.06 -12.17
CA GLU B 59 0.32 1.91 -11.35
C GLU B 59 -0.36 0.93 -12.32
N ALA B 60 -0.04 -0.36 -12.24
CA ALA B 60 -0.69 -1.33 -13.13
C ALA B 60 -0.97 -2.62 -12.42
N THR B 61 -1.87 -3.41 -12.99
CA THR B 61 -2.18 -4.75 -12.55
C THR B 61 -1.58 -5.67 -13.61
N ALA B 62 -0.69 -6.57 -13.18
CA ALA B 62 -0.04 -7.55 -14.07
C ALA B 62 -0.69 -8.90 -13.79
N GLN B 63 -1.38 -9.42 -14.81
CA GLN B 63 -2.02 -10.73 -14.73
C GLN B 63 -1.00 -11.77 -15.15
N GLY B 64 -0.93 -12.86 -14.41
CA GLY B 64 -0.04 -13.98 -14.70
C GLY B 64 1.44 -13.78 -14.41
N LEU B 65 1.75 -12.89 -13.46
CA LEU B 65 3.12 -12.64 -12.98
C LEU B 65 3.37 -13.50 -11.72
N ILE B 66 2.27 -13.96 -11.09
CA ILE B 66 2.26 -14.84 -9.91
C ILE B 66 2.05 -16.28 -10.39
N LYS B 67 2.71 -17.26 -9.73
CA LYS B 67 2.69 -18.69 -10.09
C LYS B 67 1.25 -19.27 -10.24
N SER B 68 0.29 -18.80 -9.43
CA SER B 68 -1.13 -19.17 -9.55
C SER B 68 -1.76 -18.20 -10.57
N ASP B 69 -3.08 -18.23 -10.79
CA ASP B 69 -3.67 -17.31 -11.79
C ASP B 69 -3.81 -15.84 -11.31
N ALA B 70 -3.49 -15.56 -10.03
CA ALA B 70 -3.58 -14.29 -9.33
C ALA B 70 -2.83 -13.12 -9.96
N ALA B 71 -3.43 -11.93 -9.84
CA ALA B 71 -2.97 -10.67 -10.37
C ALA B 71 -2.20 -9.94 -9.30
N MET B 72 -1.32 -9.04 -9.72
CA MET B 72 -0.56 -8.26 -8.76
C MET B 72 -0.35 -6.85 -9.24
N THR B 73 -0.28 -5.94 -8.28
CA THR B 73 -0.01 -4.52 -8.51
C THR B 73 1.48 -4.33 -8.73
N VAL B 74 1.82 -3.61 -9.80
CA VAL B 74 3.18 -3.31 -10.23
C VAL B 74 3.24 -1.83 -10.57
N ALA B 75 4.46 -1.28 -10.70
CA ALA B 75 4.70 0.08 -11.13
C ALA B 75 5.38 -0.06 -12.49
N VAL B 76 4.93 0.75 -13.45
CA VAL B 76 5.46 0.64 -14.79
C VAL B 76 6.02 1.99 -15.22
N LYS B 77 7.29 2.01 -15.58
CA LYS B 77 7.97 3.19 -16.09
C LYS B 77 7.93 3.10 -17.61
N MET B 78 7.58 4.22 -18.25
CA MET B 78 7.47 4.30 -19.70
C MET B 78 7.71 5.71 -20.16
N LEU B 79 7.96 5.86 -21.43
CA LEU B 79 8.15 7.18 -22.03
C LEU B 79 6.83 7.70 -22.59
N LYS B 80 6.73 9.02 -22.68
CA LYS B 80 5.59 9.75 -23.24
C LYS B 80 5.89 9.98 -24.73
N PRO B 81 4.88 10.26 -25.60
CA PRO B 81 5.18 10.51 -27.04
C PRO B 81 6.11 11.70 -27.31
N SER B 82 6.38 12.53 -26.29
CA SER B 82 7.26 13.71 -26.31
C SER B 82 8.74 13.28 -26.37
N ALA B 83 9.04 12.02 -25.95
CA ALA B 83 10.38 11.47 -25.90
C ALA B 83 11.03 11.25 -27.28
N HIS B 84 12.33 11.55 -27.38
CA HIS B 84 13.13 11.38 -28.60
C HIS B 84 13.88 10.04 -28.52
N SER B 85 14.89 9.86 -29.40
CA SER B 85 15.77 8.68 -29.46
C SER B 85 16.66 8.59 -28.23
N THR B 86 17.10 9.75 -27.69
CA THR B 86 17.96 9.88 -26.52
C THR B 86 17.29 9.28 -25.27
N GLU B 87 16.00 9.59 -25.06
CA GLU B 87 15.22 9.11 -23.91
C GLU B 87 14.94 7.63 -24.09
N ARG B 88 14.71 7.20 -25.36
CA ARG B 88 14.48 5.81 -25.74
C ARG B 88 15.69 4.95 -25.45
N GLU B 89 16.91 5.45 -25.74
CA GLU B 89 18.16 4.75 -25.47
C GLU B 89 18.39 4.71 -23.96
N ALA B 90 18.07 5.82 -23.25
CA ALA B 90 18.21 5.94 -21.80
C ALA B 90 17.31 4.96 -21.03
N LEU B 91 16.04 4.81 -21.43
CA LEU B 91 15.12 3.87 -20.78
C LEU B 91 15.60 2.41 -20.95
N MET B 92 16.12 2.07 -22.13
CA MET B 92 16.70 0.77 -22.44
C MET B 92 17.96 0.50 -21.57
N SER B 93 18.86 1.50 -21.42
CA SER B 93 20.07 1.44 -20.56
C SER B 93 19.69 1.16 -19.10
N GLU B 94 18.61 1.82 -18.63
CA GLU B 94 18.06 1.68 -17.27
C GLU B 94 17.58 0.24 -17.06
N LEU B 95 16.87 -0.31 -18.06
CA LEU B 95 16.38 -1.67 -18.04
C LEU B 95 17.55 -2.68 -17.99
N LYS B 96 18.63 -2.45 -18.79
CA LYS B 96 19.82 -3.29 -18.79
C LYS B 96 20.48 -3.27 -17.41
N VAL B 97 20.66 -2.08 -16.82
CA VAL B 97 21.24 -1.88 -15.48
C VAL B 97 20.43 -2.62 -14.42
N LEU B 98 19.10 -2.46 -14.42
CA LEU B 98 18.21 -3.13 -13.47
C LEU B 98 18.27 -4.65 -13.62
N SER B 99 18.35 -5.15 -14.86
CA SER B 99 18.47 -6.58 -15.18
C SER B 99 19.82 -7.11 -14.68
N TYR B 100 20.88 -6.32 -14.88
CA TYR B 100 22.25 -6.61 -14.47
C TYR B 100 22.41 -6.69 -12.95
N LEU B 101 21.80 -5.77 -12.21
CA LEU B 101 21.92 -5.74 -10.75
C LEU B 101 21.24 -6.91 -10.07
N GLY B 102 20.11 -7.33 -10.62
CA GLY B 102 19.32 -8.41 -10.07
C GLY B 102 18.60 -7.99 -8.81
N ASN B 103 17.96 -8.95 -8.11
CA ASN B 103 17.23 -8.65 -6.88
C ASN B 103 18.16 -8.40 -5.72
N HIS B 104 17.85 -7.36 -4.96
CA HIS B 104 18.45 -6.96 -3.69
C HIS B 104 17.29 -6.38 -2.89
N GLU B 105 17.29 -6.67 -1.59
CA GLU B 105 16.26 -6.22 -0.65
C GLU B 105 16.05 -4.70 -0.66
N ASN B 106 17.12 -3.88 -0.79
CA ASN B 106 17.04 -2.42 -0.64
C ASN B 106 17.20 -1.62 -1.93
N ILE B 107 16.90 -2.24 -3.04
CA ILE B 107 16.87 -1.66 -4.37
C ILE B 107 15.51 -2.05 -4.94
N VAL B 108 14.88 -1.16 -5.70
CA VAL B 108 13.58 -1.46 -6.33
C VAL B 108 13.81 -2.62 -7.31
N ASN B 109 13.00 -3.67 -7.20
CA ASN B 109 13.21 -4.86 -8.00
C ASN B 109 12.42 -4.89 -9.29
N LEU B 110 13.13 -5.20 -10.39
CA LEU B 110 12.61 -5.40 -11.73
C LEU B 110 11.82 -6.71 -11.73
N LEU B 111 10.62 -6.68 -12.28
CA LEU B 111 9.74 -7.85 -12.34
C LEU B 111 9.59 -8.32 -13.77
N GLY B 112 9.74 -7.41 -14.70
CA GLY B 112 9.62 -7.68 -16.12
C GLY B 112 9.79 -6.44 -16.96
N ALA B 113 9.60 -6.58 -18.25
CA ALA B 113 9.70 -5.51 -19.24
C ALA B 113 9.02 -5.93 -20.52
N CYS B 114 8.58 -4.94 -21.29
CA CYS B 114 7.92 -5.11 -22.57
C CYS B 114 8.71 -4.27 -23.55
N THR B 115 9.61 -4.91 -24.33
CA THR B 115 10.44 -4.23 -25.32
C THR B 115 9.87 -4.35 -26.74
N HIS B 116 9.38 -5.56 -27.11
CA HIS B 116 8.79 -5.79 -28.43
C HIS B 116 7.27 -5.49 -28.45
N GLY B 117 6.74 -5.27 -29.64
CA GLY B 117 5.33 -4.96 -29.85
C GLY B 117 4.89 -3.57 -29.44
N GLY B 118 5.86 -2.68 -29.22
CA GLY B 118 5.56 -1.30 -28.84
C GLY B 118 6.62 -0.61 -28.01
N PRO B 119 6.22 0.50 -27.34
CA PRO B 119 7.19 1.24 -26.48
C PRO B 119 7.69 0.44 -25.30
N THR B 120 8.94 0.72 -24.88
CA THR B 120 9.58 0.04 -23.75
C THR B 120 8.85 0.31 -22.45
N LEU B 121 8.51 -0.78 -21.75
CA LEU B 121 7.83 -0.72 -20.46
C LEU B 121 8.74 -1.41 -19.48
N VAL B 122 9.15 -0.70 -18.41
CA VAL B 122 9.98 -1.24 -17.33
C VAL B 122 9.03 -1.48 -16.16
N ILE B 123 8.86 -2.73 -15.77
CA ILE B 123 7.95 -3.16 -14.72
C ILE B 123 8.69 -3.51 -13.44
N THR B 124 8.34 -2.81 -12.36
CA THR B 124 8.95 -3.12 -11.09
C THR B 124 7.87 -3.42 -10.06
N GLU B 125 8.32 -3.83 -8.87
CA GLU B 125 7.46 -4.05 -7.71
C GLU B 125 6.87 -2.69 -7.29
N TYR B 126 5.66 -2.74 -6.78
CA TYR B 126 4.96 -1.55 -6.31
C TYR B 126 5.31 -1.40 -4.82
N CYS B 127 5.72 -0.18 -4.42
CA CYS B 127 6.06 0.15 -3.03
C CYS B 127 4.92 0.99 -2.48
N CYS B 128 4.05 0.40 -1.69
CA CYS B 128 2.81 1.07 -1.32
C CYS B 128 2.92 2.37 -0.56
N TYR B 129 4.02 2.65 0.18
CA TYR B 129 4.01 3.93 0.88
C TYR B 129 4.67 5.08 0.10
N GLY B 130 4.99 4.88 -1.17
CA GLY B 130 5.59 5.90 -2.04
C GLY B 130 7.00 6.29 -1.65
N ASP B 131 7.44 7.47 -2.10
CA ASP B 131 8.77 7.97 -1.77
C ASP B 131 8.93 8.33 -0.28
N LEU B 132 10.14 8.07 0.26
CA LEU B 132 10.47 8.32 1.66
C LEU B 132 10.28 9.79 2.09
N LEU B 133 10.65 10.73 1.20
CA LEU B 133 10.49 12.16 1.49
C LEU B 133 9.06 12.53 1.89
N ASN B 134 8.05 12.14 1.10
CA ASN B 134 6.64 12.46 1.40
C ASN B 134 6.14 11.74 2.59
N PHE B 135 6.63 10.51 2.81
CA PHE B 135 6.27 9.72 3.97
C PHE B 135 6.75 10.44 5.24
N LEU B 136 8.05 10.84 5.29
CA LEU B 136 8.62 11.56 6.44
C LEU B 136 7.85 12.86 6.74
N ARG B 137 7.44 13.57 5.68
CA ARG B 137 6.68 14.82 5.82
C ARG B 137 5.28 14.57 6.36
N ARG B 138 4.63 13.46 5.97
CA ARG B 138 3.30 13.06 6.47
C ARG B 138 3.38 12.60 7.93
N LYS B 139 4.51 12.01 8.34
CA LYS B 139 4.72 11.45 9.68
C LYS B 139 5.42 12.37 10.66
N ARG B 140 5.76 13.58 10.20
CA ARG B 140 6.43 14.64 10.95
C ARG B 140 5.80 14.92 12.32
N ASP B 141 4.47 14.90 12.39
CA ASP B 141 3.70 15.20 13.59
C ASP B 141 3.49 13.96 14.48
N GLU B 142 3.51 12.75 13.87
CA GLU B 142 3.37 11.48 14.58
C GLU B 142 4.77 10.86 14.83
N PHE B 143 5.76 11.73 15.15
CA PHE B 143 7.13 11.28 15.40
C PHE B 143 7.51 11.48 16.85
N VAL B 144 8.16 10.48 17.44
CA VAL B 144 8.64 10.50 18.80
C VAL B 144 10.07 9.93 18.85
N PRO B 145 11.08 10.63 19.41
CA PRO B 145 12.45 10.05 19.44
C PRO B 145 12.46 8.64 20.04
N TYR B 146 11.92 8.52 21.28
CA TYR B 146 11.85 7.25 21.99
C TYR B 146 10.43 6.98 22.50
N LYS B 147 9.90 5.80 22.15
CA LYS B 147 8.56 5.32 22.50
C LYS B 147 8.51 4.95 23.97
N ASP B 156 1.41 3.00 13.47
CA ASP B 156 1.40 4.02 14.52
C ASP B 156 2.61 5.02 14.40
N PHE B 157 3.26 5.36 15.54
CA PHE B 157 4.37 6.32 15.64
C PHE B 157 5.63 5.96 14.92
N LEU B 158 6.23 6.98 14.28
CA LEU B 158 7.54 6.89 13.67
C LEU B 158 8.56 7.20 14.79
N THR B 159 9.63 6.41 14.86
CA THR B 159 10.64 6.58 15.91
C THR B 159 12.03 6.65 15.33
N LEU B 160 13.01 6.89 16.20
CA LEU B 160 14.44 6.97 15.91
C LEU B 160 14.96 5.61 15.45
N GLU B 161 14.38 4.52 15.98
CA GLU B 161 14.68 3.13 15.59
C GLU B 161 14.38 2.94 14.09
N HIS B 162 13.26 3.51 13.59
CA HIS B 162 12.86 3.45 12.17
C HIS B 162 13.85 4.22 11.33
N LEU B 163 14.25 5.40 11.80
CA LEU B 163 15.18 6.25 11.05
C LEU B 163 16.57 5.62 10.93
N LEU B 164 17.07 4.98 12.01
CA LEU B 164 18.35 4.28 12.01
C LEU B 164 18.27 3.11 11.04
N SER B 165 17.12 2.40 11.03
CA SER B 165 16.89 1.26 10.12
C SER B 165 16.86 1.73 8.64
N PHE B 166 16.22 2.87 8.37
CA PHE B 166 16.16 3.47 7.02
C PHE B 166 17.56 3.86 6.54
N SER B 167 18.36 4.48 7.43
CA SER B 167 19.74 4.88 7.16
C SER B 167 20.62 3.66 6.81
N TYR B 168 20.43 2.56 7.55
CA TYR B 168 21.15 1.30 7.38
C TYR B 168 20.79 0.65 6.05
N GLN B 169 19.47 0.59 5.75
CA GLN B 169 18.97 0.01 4.52
C GLN B 169 19.43 0.74 3.31
N VAL B 170 19.50 2.08 3.37
CA VAL B 170 19.95 2.88 2.24
C VAL B 170 21.47 2.70 2.05
N ALA B 171 22.23 2.58 3.15
CA ALA B 171 23.68 2.37 3.09
C ALA B 171 23.95 0.99 2.51
N LYS B 172 23.12 -0.02 2.89
CA LYS B 172 23.22 -1.41 2.38
C LYS B 172 22.98 -1.47 0.89
N GLY B 173 21.90 -0.83 0.42
CA GLY B 173 21.56 -0.77 -1.00
C GLY B 173 22.62 -0.06 -1.81
N MET B 174 23.22 1.01 -1.25
CA MET B 174 24.29 1.77 -1.91
C MET B 174 25.61 1.01 -1.93
N ALA B 175 25.90 0.24 -0.86
CA ALA B 175 27.10 -0.62 -0.79
C ALA B 175 26.95 -1.69 -1.87
N PHE B 176 25.71 -2.22 -2.06
CA PHE B 176 25.43 -3.18 -3.12
C PHE B 176 25.67 -2.55 -4.51
N LEU B 177 25.08 -1.40 -4.78
CA LEU B 177 25.28 -0.67 -6.04
C LEU B 177 26.75 -0.41 -6.32
N ALA B 178 27.52 0.03 -5.29
CA ALA B 178 28.97 0.31 -5.40
C ALA B 178 29.77 -0.96 -5.71
N SER B 179 29.35 -2.13 -5.15
CA SER B 179 30.01 -3.43 -5.39
C SER B 179 29.78 -3.90 -6.82
N LYS B 180 28.73 -3.37 -7.47
CA LYS B 180 28.37 -3.66 -8.85
C LYS B 180 28.87 -2.56 -9.80
N ASN B 181 29.68 -1.61 -9.27
CA ASN B 181 30.29 -0.48 -9.98
C ASN B 181 29.27 0.52 -10.55
N CYS B 182 28.14 0.70 -9.83
CA CYS B 182 27.14 1.66 -10.26
C CYS B 182 27.12 2.89 -9.39
N ILE B 183 26.93 4.06 -10.04
CA ILE B 183 26.83 5.37 -9.39
C ILE B 183 25.40 5.81 -9.62
N HIS B 184 24.72 6.23 -8.56
CA HIS B 184 23.34 6.64 -8.62
C HIS B 184 23.20 8.02 -9.28
N ARG B 185 23.96 9.01 -8.81
CA ARG B 185 24.03 10.41 -9.28
C ARG B 185 22.89 11.31 -8.76
N ASP B 186 21.82 10.72 -8.20
CA ASP B 186 20.69 11.49 -7.69
C ASP B 186 20.11 10.83 -6.41
N LEU B 187 21.00 10.47 -5.49
CA LEU B 187 20.63 9.90 -4.21
C LEU B 187 20.05 11.03 -3.33
N ALA B 188 18.82 10.79 -2.82
CA ALA B 188 17.99 11.72 -2.07
C ALA B 188 16.77 10.94 -1.57
N ALA B 189 16.10 11.45 -0.53
CA ALA B 189 14.91 10.84 0.05
C ALA B 189 13.78 10.72 -0.97
N ARG B 190 13.72 11.61 -1.97
CA ARG B 190 12.70 11.57 -3.05
C ARG B 190 12.92 10.32 -4.01
N ASN B 191 14.14 9.70 -3.98
CA ASN B 191 14.52 8.52 -4.78
C ASN B 191 14.62 7.23 -3.94
N ILE B 192 13.94 7.23 -2.80
CA ILE B 192 13.89 6.08 -1.91
C ILE B 192 12.43 5.76 -1.79
N LEU B 193 12.05 4.50 -1.99
CA LEU B 193 10.64 4.13 -1.85
C LEU B 193 10.47 3.35 -0.56
N LEU B 194 9.29 3.42 0.02
CA LEU B 194 8.99 2.72 1.28
C LEU B 194 7.91 1.69 1.00
N THR B 195 8.17 0.46 1.38
CA THR B 195 7.21 -0.61 1.20
C THR B 195 6.89 -1.24 2.58
N HIS B 196 6.33 -2.45 2.58
CA HIS B 196 5.94 -3.23 3.77
C HIS B 196 7.12 -3.52 4.67
N GLY B 197 6.82 -3.71 5.95
CA GLY B 197 7.81 -4.07 6.97
C GLY B 197 8.95 -3.08 7.12
N ASN B 198 8.65 -1.79 6.89
CA ASN B 198 9.57 -0.66 6.93
C ASN B 198 10.80 -0.90 6.04
N ILE B 199 10.57 -1.49 4.85
CA ILE B 199 11.64 -1.75 3.90
C ILE B 199 11.73 -0.58 2.93
N THR B 200 12.91 0.03 2.87
CA THR B 200 13.20 1.14 1.96
C THR B 200 13.91 0.57 0.76
N LYS B 201 13.59 1.10 -0.41
CA LYS B 201 14.16 0.63 -1.67
C LYS B 201 14.72 1.79 -2.48
N ILE B 202 15.97 1.69 -2.91
CA ILE B 202 16.55 2.75 -3.73
C ILE B 202 15.96 2.64 -5.12
N CYS B 203 15.53 3.77 -5.67
CA CYS B 203 15.02 3.81 -7.02
C CYS B 203 15.63 5.00 -7.69
N ASP B 204 15.16 5.29 -8.91
CA ASP B 204 15.57 6.45 -9.67
C ASP B 204 14.44 6.83 -10.60
N PHE B 205 13.65 7.86 -10.21
CA PHE B 205 12.51 8.34 -11.02
C PHE B 205 12.98 8.83 -12.38
N GLY B 206 14.17 9.41 -12.43
CA GLY B 206 14.80 9.91 -13.64
C GLY B 206 13.85 10.76 -14.45
N LEU B 207 13.51 10.27 -15.66
CA LEU B 207 12.62 10.94 -16.62
C LEU B 207 11.16 11.02 -16.16
N ALA B 208 10.77 10.26 -15.11
CA ALA B 208 9.41 10.27 -14.57
C ALA B 208 9.23 11.30 -13.46
N ARG B 209 10.20 12.18 -13.32
CA ARG B 209 10.20 13.28 -12.38
C ARG B 209 10.16 14.60 -13.19
N ASP B 210 9.19 15.45 -12.86
CA ASP B 210 9.02 16.78 -13.43
C ASP B 210 10.01 17.74 -12.72
N ILE B 211 11.29 17.59 -13.07
CA ILE B 211 12.42 18.34 -12.51
C ILE B 211 12.33 19.85 -12.80
N LYS B 212 11.64 20.26 -13.88
CA LYS B 212 11.44 21.67 -14.23
C LYS B 212 10.59 22.38 -13.17
N ASN B 213 9.58 21.71 -12.62
CA ASN B 213 8.71 22.32 -11.61
C ASN B 213 9.12 21.98 -10.17
N ASP B 214 10.16 21.15 -9.97
CA ASP B 214 10.66 20.77 -8.65
C ASP B 214 11.75 21.77 -8.26
N SER B 215 11.50 22.55 -7.21
CA SER B 215 12.42 23.55 -6.68
C SER B 215 13.75 22.96 -6.09
N ASN B 216 13.82 21.61 -5.89
CA ASN B 216 15.05 20.92 -5.42
C ASN B 216 16.06 20.72 -6.54
N TYR B 217 15.65 21.08 -7.75
CA TYR B 217 16.43 21.03 -8.97
C TYR B 217 16.61 22.49 -9.38
N VAL B 218 17.87 22.89 -9.58
CA VAL B 218 18.25 24.26 -9.83
C VAL B 218 18.88 24.34 -11.20
N ASP B 219 18.54 25.39 -11.95
CA ASP B 219 19.12 25.66 -13.26
C ASP B 219 20.60 26.02 -13.04
N LYS B 220 21.50 25.21 -13.60
CA LYS B 220 22.94 25.39 -13.55
C LYS B 220 23.45 25.07 -14.95
N GLY B 221 23.87 26.12 -15.67
CA GLY B 221 24.29 26.03 -17.07
C GLY B 221 23.11 25.63 -17.93
N ASN B 222 23.30 24.57 -18.72
CA ASN B 222 22.28 23.99 -19.61
C ASN B 222 21.37 22.98 -18.87
N ALA B 223 21.71 22.65 -17.63
CA ALA B 223 20.98 21.61 -16.92
C ALA B 223 20.16 22.07 -15.71
N ARG B 224 19.29 21.19 -15.24
CA ARG B 224 18.51 21.38 -14.05
C ARG B 224 19.02 20.28 -13.10
N LEU B 225 19.86 20.69 -12.12
CA LEU B 225 20.56 19.79 -11.23
C LEU B 225 20.16 19.86 -9.74
N PRO B 226 20.25 18.73 -8.98
CA PRO B 226 19.90 18.77 -7.52
C PRO B 226 21.12 19.22 -6.71
N VAL B 227 21.53 20.47 -6.87
CA VAL B 227 22.74 21.08 -6.31
C VAL B 227 22.93 20.86 -4.80
N LYS B 228 21.84 21.02 -3.99
CA LYS B 228 21.89 20.84 -2.54
C LYS B 228 22.29 19.42 -2.09
N TRP B 229 22.21 18.41 -2.99
CA TRP B 229 22.63 17.03 -2.71
C TRP B 229 23.98 16.70 -3.32
N MET B 230 24.52 17.61 -4.16
CA MET B 230 25.73 17.38 -4.92
C MET B 230 27.04 17.72 -4.25
N ALA B 231 28.03 16.84 -4.41
CA ALA B 231 29.40 17.02 -3.93
C ALA B 231 30.03 18.21 -4.68
N PRO B 232 30.97 18.98 -4.08
CA PRO B 232 31.57 20.12 -4.80
C PRO B 232 32.22 19.74 -6.13
N GLU B 233 32.91 18.58 -6.23
CA GLU B 233 33.52 18.10 -7.49
C GLU B 233 32.45 17.84 -8.58
N SER B 234 31.21 17.48 -8.16
CA SER B 234 30.11 17.28 -9.07
C SER B 234 29.58 18.62 -9.54
N ILE B 235 29.55 19.60 -8.62
CA ILE B 235 29.07 20.95 -8.91
C ILE B 235 30.04 21.71 -9.83
N PHE B 236 31.31 21.79 -9.43
CA PHE B 236 32.33 22.57 -10.14
C PHE B 236 33.08 21.83 -11.26
N ASN B 237 33.14 20.48 -11.23
CA ASN B 237 33.88 19.77 -12.27
C ASN B 237 33.06 18.72 -13.02
N SER B 238 31.75 18.64 -12.73
CA SER B 238 30.84 17.66 -13.35
C SER B 238 31.30 16.19 -13.18
N VAL B 239 32.05 15.90 -12.10
CA VAL B 239 32.51 14.53 -11.88
C VAL B 239 31.55 13.82 -10.93
N TYR B 240 31.15 12.60 -11.28
CA TYR B 240 30.31 11.76 -10.44
C TYR B 240 31.07 10.49 -10.19
N THR B 241 31.19 10.12 -8.92
CA THR B 241 31.98 8.95 -8.52
C THR B 241 31.28 8.25 -7.36
N PHE B 242 31.95 7.24 -6.81
CA PHE B 242 31.51 6.49 -5.66
C PHE B 242 31.42 7.43 -4.47
N GLU B 243 32.43 8.34 -4.37
CA GLU B 243 32.62 9.32 -3.32
C GLU B 243 31.60 10.44 -3.37
N SER B 244 31.16 10.83 -4.58
CA SER B 244 30.13 11.87 -4.72
C SER B 244 28.76 11.33 -4.30
N ASP B 245 28.50 10.01 -4.46
CA ASP B 245 27.26 9.34 -4.01
C ASP B 245 27.21 9.30 -2.50
N VAL B 246 28.40 9.20 -1.87
CA VAL B 246 28.58 9.19 -0.42
C VAL B 246 28.21 10.57 0.15
N TRP B 247 28.64 11.65 -0.52
CA TRP B 247 28.28 13.03 -0.16
C TRP B 247 26.74 13.16 -0.08
N SER B 248 26.04 12.73 -1.13
CA SER B 248 24.56 12.80 -1.24
C SER B 248 23.90 11.96 -0.18
N TYR B 249 24.54 10.84 0.22
CA TYR B 249 24.04 9.99 1.30
C TYR B 249 24.03 10.80 2.60
N GLY B 250 25.06 11.63 2.81
CA GLY B 250 25.18 12.53 3.94
C GLY B 250 24.02 13.52 3.99
N ILE B 251 23.68 14.09 2.82
CA ILE B 251 22.52 15.01 2.68
C ILE B 251 21.23 14.22 2.94
N PHE B 252 21.13 13.00 2.40
CA PHE B 252 19.94 12.16 2.61
C PHE B 252 19.74 11.92 4.15
N LEU B 253 20.85 11.68 4.87
CA LEU B 253 20.84 11.49 6.33
C LEU B 253 20.27 12.71 7.04
N TRP B 254 20.71 13.89 6.58
CA TRP B 254 20.24 15.14 7.10
C TRP B 254 18.71 15.26 6.88
N GLU B 255 18.23 14.95 5.68
CA GLU B 255 16.80 15.01 5.33
C GLU B 255 16.03 14.10 6.22
N LEU B 256 16.59 12.89 6.41
CA LEU B 256 15.99 11.83 7.20
C LEU B 256 15.77 12.23 8.66
N PHE B 257 16.87 12.59 9.34
CA PHE B 257 16.81 12.98 10.75
C PHE B 257 16.11 14.34 10.97
N SER B 258 15.96 15.13 9.91
CA SER B 258 15.22 16.41 9.99
C SER B 258 13.76 16.21 9.54
N LEU B 259 13.34 14.93 9.36
CA LEU B 259 12.00 14.46 9.00
C LEU B 259 11.46 15.09 7.72
N GLY B 260 12.28 15.09 6.68
CA GLY B 260 11.90 15.57 5.36
C GLY B 260 12.07 17.06 5.12
N SER B 261 12.84 17.71 5.94
CA SER B 261 13.11 19.13 5.74
C SER B 261 14.00 19.23 4.50
N SER B 262 13.88 20.34 3.75
CA SER B 262 14.75 20.63 2.61
C SER B 262 16.16 20.92 3.16
N PRO B 263 17.26 20.44 2.51
CA PRO B 263 18.62 20.77 3.02
C PRO B 263 18.97 22.23 2.85
N TYR B 264 19.96 22.72 3.64
CA TYR B 264 20.40 24.15 3.72
C TYR B 264 19.16 25.04 3.79
N PRO B 265 18.24 24.80 4.77
CA PRO B 265 16.98 25.56 4.79
C PRO B 265 17.23 27.06 4.89
N GLY B 266 16.38 27.84 4.20
CA GLY B 266 16.45 29.29 4.15
C GLY B 266 17.54 29.84 3.25
N MET B 267 18.40 28.96 2.73
CA MET B 267 19.50 29.37 1.86
C MET B 267 19.18 29.13 0.40
N PRO B 268 19.07 30.19 -0.43
CA PRO B 268 18.83 29.95 -1.86
C PRO B 268 20.11 29.49 -2.58
N VAL B 269 19.96 28.77 -3.68
CA VAL B 269 21.11 28.34 -4.46
C VAL B 269 21.51 29.50 -5.37
N ASP B 270 22.56 30.19 -5.00
CA ASP B 270 23.12 31.31 -5.77
C ASP B 270 24.64 31.36 -5.56
N SER B 271 25.32 32.48 -5.93
CA SER B 271 26.77 32.66 -5.81
C SER B 271 27.28 32.46 -4.39
N LYS B 272 26.58 33.06 -3.41
CA LYS B 272 26.88 32.96 -1.98
C LYS B 272 26.87 31.48 -1.52
N PHE B 273 25.91 30.64 -2.01
CA PHE B 273 25.82 29.21 -1.70
C PHE B 273 27.06 28.45 -2.21
N TYR B 274 27.44 28.65 -3.48
CA TYR B 274 28.59 27.96 -4.09
C TYR B 274 29.87 28.32 -3.37
N LYS B 275 30.02 29.61 -3.04
CA LYS B 275 31.16 30.14 -2.30
C LYS B 275 31.24 29.43 -0.91
N MET B 276 30.14 29.45 -0.15
CA MET B 276 30.04 28.83 1.19
C MET B 276 30.38 27.33 1.19
N ILE B 277 29.90 26.58 0.19
CA ILE B 277 30.22 25.15 0.05
C ILE B 277 31.75 24.93 -0.20
N LYS B 278 32.33 25.69 -1.16
CA LYS B 278 33.77 25.63 -1.49
C LYS B 278 34.66 26.00 -0.29
N GLU B 279 34.21 26.98 0.52
CA GLU B 279 34.90 27.49 1.72
C GLU B 279 34.73 26.60 2.97
N GLY B 280 33.93 25.54 2.87
CA GLY B 280 33.76 24.57 3.94
C GLY B 280 32.54 24.67 4.83
N PHE B 281 31.54 25.52 4.47
CA PHE B 281 30.31 25.61 5.25
C PHE B 281 29.59 24.27 5.13
N ARG B 282 29.09 23.77 6.27
CA ARG B 282 28.32 22.54 6.35
C ARG B 282 27.11 22.73 7.24
N MET B 283 26.04 22.00 6.97
CA MET B 283 24.84 22.04 7.80
C MET B 283 25.13 21.53 9.20
N SER B 284 24.44 22.11 10.18
CA SER B 284 24.59 21.69 11.56
C SER B 284 23.65 20.50 11.72
N SER B 285 23.77 19.77 12.81
CA SER B 285 22.96 18.59 13.02
C SER B 285 21.46 18.86 13.03
N PRO B 286 20.62 18.00 12.38
CA PRO B 286 19.18 18.06 12.66
C PRO B 286 19.01 17.79 14.16
N GLU B 287 17.97 18.30 14.79
CA GLU B 287 17.78 18.08 16.23
C GLU B 287 17.54 16.59 16.63
N TYR B 288 16.99 15.78 15.72
CA TYR B 288 16.74 14.38 16.07
C TYR B 288 17.88 13.43 15.65
N ALA B 289 18.98 13.96 15.09
CA ALA B 289 20.07 13.07 14.71
C ALA B 289 20.93 12.64 15.89
N PRO B 290 21.08 11.32 16.14
CA PRO B 290 22.05 10.88 17.17
C PRO B 290 23.46 11.41 16.78
N ALA B 291 24.31 11.69 17.78
CA ALA B 291 25.69 12.21 17.56
C ALA B 291 26.48 11.42 16.50
N GLU B 292 26.48 10.07 16.61
CA GLU B 292 27.25 9.19 15.74
C GLU B 292 26.68 9.16 14.31
N MET B 293 25.40 9.54 14.08
CA MET B 293 24.78 9.67 12.74
C MET B 293 25.22 11.01 12.10
N TYR B 294 25.34 12.06 12.92
CA TYR B 294 25.84 13.37 12.49
C TYR B 294 27.32 13.26 12.14
N ASP B 295 28.06 12.41 12.88
CA ASP B 295 29.47 12.10 12.67
C ASP B 295 29.65 11.49 11.31
N ILE B 296 28.74 10.56 10.91
CA ILE B 296 28.76 10.01 9.56
C ILE B 296 28.57 11.15 8.52
N MET B 297 27.50 11.99 8.66
CA MET B 297 27.26 13.13 7.77
C MET B 297 28.51 14.00 7.56
N LYS B 298 29.21 14.37 8.64
CA LYS B 298 30.39 15.23 8.57
C LYS B 298 31.46 14.62 7.70
N THR B 299 31.74 13.32 7.88
CA THR B 299 32.74 12.58 7.09
C THR B 299 32.27 12.45 5.62
N CYS B 300 30.94 12.27 5.37
CA CYS B 300 30.36 12.23 4.01
C CYS B 300 30.59 13.54 3.31
N TRP B 301 30.70 14.64 4.09
CA TRP B 301 30.88 15.97 3.54
C TRP B 301 32.28 16.47 3.54
N ASP B 302 33.26 15.57 3.61
CA ASP B 302 34.63 16.02 3.53
C ASP B 302 34.88 16.59 2.12
N ALA B 303 35.56 17.75 2.04
CA ALA B 303 35.92 18.40 0.77
C ALA B 303 36.82 17.46 -0.06
N ASP B 304 37.68 16.66 0.61
CA ASP B 304 38.54 15.67 -0.01
C ASP B 304 37.71 14.37 -0.14
N PRO B 305 37.39 13.94 -1.39
CA PRO B 305 36.58 12.72 -1.56
C PRO B 305 37.23 11.45 -0.98
N ASP B 306 38.59 11.44 -0.91
CA ASP B 306 39.39 10.34 -0.38
C ASP B 306 39.26 10.16 1.15
N LYS B 307 38.88 11.22 1.85
CA LYS B 307 38.66 11.20 3.30
C LYS B 307 37.20 10.82 3.66
N ARG B 308 36.31 10.66 2.65
CA ARG B 308 34.93 10.25 2.88
C ARG B 308 34.86 8.74 3.16
N PRO B 309 33.90 8.25 3.97
CA PRO B 309 33.83 6.79 4.15
C PRO B 309 33.24 6.11 2.91
N THR B 310 33.41 4.80 2.80
CA THR B 310 32.78 4.06 1.72
C THR B 310 31.41 3.66 2.28
N PHE B 311 30.45 3.24 1.43
CA PHE B 311 29.15 2.79 1.91
C PHE B 311 29.29 1.57 2.81
N LYS B 312 30.29 0.72 2.52
CA LYS B 312 30.62 -0.47 3.30
C LYS B 312 31.07 -0.09 4.73
N GLN B 313 31.91 0.97 4.83
CA GLN B 313 32.36 1.52 6.11
C GLN B 313 31.16 2.10 6.87
N ILE B 314 30.25 2.81 6.14
CA ILE B 314 29.01 3.38 6.68
C ILE B 314 28.11 2.25 7.24
N VAL B 315 27.92 1.15 6.48
CA VAL B 315 27.10 0.01 6.90
C VAL B 315 27.58 -0.52 8.26
N GLN B 316 28.91 -0.76 8.38
CA GLN B 316 29.59 -1.26 9.57
C GLN B 316 29.43 -0.32 10.76
N ASP B 317 29.47 0.98 10.51
CA ASP B 317 29.27 2.01 11.51
C ASP B 317 27.83 2.00 12.07
N ILE B 318 26.80 2.02 11.20
CA ILE B 318 25.38 1.99 11.64
C ILE B 318 25.02 0.68 12.33
N GLU B 319 25.60 -0.44 11.84
CA GLU B 319 25.44 -1.77 12.39
C GLU B 319 25.85 -1.74 13.87
N LYS B 320 27.00 -1.13 14.17
CA LYS B 320 27.51 -0.95 15.53
C LYS B 320 26.52 -0.09 16.37
N GLN B 321 26.02 1.02 15.79
CA GLN B 321 25.03 1.91 16.42
C GLN B 321 23.72 1.18 16.74
N ILE B 322 23.25 0.31 15.85
CA ILE B 322 22.04 -0.49 16.03
C ILE B 322 22.23 -1.50 17.17
N SER B 323 23.38 -2.20 17.20
CA SER B 323 23.70 -3.18 18.23
C SER B 323 23.75 -2.53 19.62
N GLU B 324 24.41 -1.35 19.73
CA GLU B 324 24.53 -0.56 20.96
C GLU B 324 23.15 -0.15 21.50
N SER B 325 22.24 0.27 20.58
CA SER B 325 20.85 0.71 20.81
C SER B 325 19.97 -0.32 21.55
C1 F82 C . -15.74 -12.78 0.57
C2 F82 C . -16.28 -11.51 1.18
C3 F82 C . -13.57 -13.17 1.87
O4 F82 C . -4.85 -5.56 9.29
C7 F82 C . -9.94 -13.78 4.63
C8 F82 C . -9.10 -12.61 5.11
C9 F82 C . -9.69 -11.48 5.67
C10 F82 C . -8.92 -10.41 6.12
C11 F82 C . -7.54 -10.47 6.00
C12 F82 C . -6.93 -11.59 5.44
C13 F82 C . -7.70 -12.65 5.00
C14 F82 C . -5.76 -13.93 4.43
C15 F82 C . -5.91 -8.73 5.62
C16 F82 C . -5.26 -7.60 6.23
C19 F82 C . -3.89 -5.35 7.17
C20 F82 C . -3.71 -5.76 5.87
C21 F82 C . -4.40 -6.88 5.37
C22 F82 C . -4.87 -8.32 3.64
C24 F82 C . -5.84 -6.12 10.18
O F82 C . -11.29 -12.19 3.40
C6 F82 C . -11.12 -13.35 3.77
N2 F82 C . -12.01 -14.34 3.49
C4 F82 C . -13.20 -14.11 2.78
C5 F82 C . -14.31 -14.94 2.94
N1 F82 C . -15.32 -14.56 2.18
N F82 C . -14.84 -13.46 1.52
C F82 C . -15.03 -12.51 -0.73
O1 F82 C . -7.18 -13.79 4.45
O2 F82 C . -6.74 -9.42 6.44
N4 F82 C . -5.72 -9.09 4.34
N3 F82 C . -4.19 -7.25 4.06
O3 F82 C . -3.28 -4.27 7.74
C23 F82 C . -2.14 -3.72 7.08
C18 F82 C . -4.77 -6.06 8.02
C17 F82 C . -5.44 -7.17 7.56
C1 F82 D . 18.74 1.98 -9.06
C2 F82 D . 18.97 0.48 -9.01
C3 F82 D . 16.58 2.26 -10.34
O4 F82 D . 4.39 7.05 -6.43
C7 F82 D . 12.58 3.04 -12.19
C8 F82 D . 11.40 3.42 -11.32
C9 F82 D . 11.52 4.40 -10.33
C10 F82 D . 10.46 4.75 -9.53
C11 F82 D . 9.24 4.11 -9.69
C12 F82 D . 9.08 3.12 -10.67
C13 F82 D . 10.16 2.78 -11.47
C14 F82 D . 8.86 1.16 -12.67
C15 F82 D . 7.55 3.59 -8.04
C16 F82 D . 6.47 4.10 -7.27
C19 F82 D . 4.32 4.84 -5.64
C20 F82 D . 4.76 3.55 -5.61
C21 F82 D . 5.85 3.15 -6.43
C22 F82 D . 7.29 1.53 -7.14
C24 F82 D . 5.15 8.13 -6.98
O F82 D . 13.89 2.82 -10.18
C6 F82 D . 13.86 2.88 -11.41
N2 F82 D . 14.99 2.79 -12.18
C4 F82 D . 16.26 2.69 -11.58
C5 F82 D . 17.48 3.01 -12.18
N1 F82 D . 18.50 2.80 -11.36
N F82 D . 17.92 2.34 -10.23
C F82 D . 20.02 2.80 -9.03
O1 F82 D . 10.10 1.83 -12.45
O2 F82 D . 8.17 4.47 -8.87
N4 F82 D . 7.97 2.32 -7.99
N3 F82 D . 6.27 1.84 -6.35
O3 F82 D . 3.27 5.32 -4.90
C23 F82 D . 2.62 4.41 -3.99
C18 F82 D . 4.94 5.80 -6.49
C17 F82 D . 5.98 5.43 -7.29
#